data_6K8Z
#
_entry.id   6K8Z
#
_cell.length_a   54.630
_cell.length_b   71.080
_cell.length_c   77.310
_cell.angle_alpha   90.00
_cell.angle_beta   98.93
_cell.angle_gamma   90.00
#
_symmetry.space_group_name_H-M   'P 1 21 1'
#
loop_
_entity.id
_entity.type
_entity.pdbx_description
1 polymer 'Pyridoxal kinase, putative'
2 non-polymer "ADENOSINE-5'-DIPHOSPHATE"
3 non-polymer 'CALCIUM ION'
4 non-polymer 'ACETATE ION'
5 non-polymer 'CHLORIDE ION'
6 water water
#
_entity_poly.entity_id   1
_entity_poly.type   'polypeptide(L)'
_entity_poly.pdbx_seq_one_letter_code
;MGSSHHHHHHSSGLVPRGSHMTDDKHVLSIQSHVTHGYVGNKAATFPLQLHGFDVDAINTVSLSNHSGYPVIKGHRMDLE
EFTTIMEGLRANDFLSDYAYVLTGYINNRDIVRQVAATVAEIREARQKQGKKDAVFFCDPVMGDDGRLYCKEEVVEAYRE
LLTHADVATPNYFEASILSTVEVKDLASAIEAANWFHTQGTPTVVIKSFAMADDPTHLRFLLSCRDKATGSTKRYTGVVP
YHEGRYTGTGDVFAASLVAFAHSDPMDLAVGKAMGVLQDLIKATIERGGSGKATLSSRELRVTSYPDRLQHPSSVALVTP
LP
;
_entity_poly.pdbx_strand_id   A,B
#
# COMPACT_ATOMS: atom_id res chain seq x y z
N ASP A 23 7.40 18.37 1.21
CA ASP A 23 8.27 17.61 2.17
C ASP A 23 9.01 16.50 1.41
N ASP A 24 10.30 16.31 1.70
CA ASP A 24 11.18 15.38 0.94
C ASP A 24 11.22 14.01 1.63
N LYS A 25 10.15 13.62 2.34
CA LYS A 25 9.95 12.22 2.80
C LYS A 25 9.09 11.48 1.77
N HIS A 26 9.56 11.45 0.53
CA HIS A 26 8.80 10.92 -0.63
C HIS A 26 9.67 9.89 -1.36
N VAL A 27 9.18 8.66 -1.47
CA VAL A 27 9.99 7.50 -1.95
C VAL A 27 9.29 6.90 -3.15
N LEU A 28 10.00 6.72 -4.26
CA LEU A 28 9.55 5.84 -5.36
C LEU A 28 10.11 4.45 -5.07
N SER A 29 9.22 3.49 -4.80
CA SER A 29 9.54 2.09 -4.42
C SER A 29 9.12 1.16 -5.56
N ILE A 30 10.11 0.63 -6.25
CA ILE A 30 9.96 -0.26 -7.43
C ILE A 30 10.27 -1.67 -6.91
N GLN A 31 9.23 -2.37 -6.46
CA GLN A 31 9.29 -3.71 -5.81
C GLN A 31 8.09 -4.57 -6.22
N SER A 32 8.08 -5.80 -5.74
CA SER A 32 6.98 -6.76 -5.95
C SER A 32 5.76 -6.34 -5.12
N HIS A 33 4.58 -6.72 -5.61
CA HIS A 33 3.31 -6.77 -4.85
C HIS A 33 2.87 -8.23 -4.72
N VAL A 34 2.47 -8.64 -3.52
CA VAL A 34 1.76 -9.93 -3.34
C VAL A 34 0.45 -9.69 -2.58
N THR A 35 -0.60 -10.37 -2.99
CA THR A 35 -1.91 -10.29 -2.33
C THR A 35 -1.80 -10.86 -0.91
N HIS A 36 -1.22 -12.05 -0.73
CA HIS A 36 -1.10 -12.66 0.61
C HIS A 36 0.38 -12.66 1.01
N GLY A 37 0.66 -12.12 2.19
CA GLY A 37 2.00 -12.18 2.80
C GLY A 37 2.79 -10.88 2.66
N TYR A 38 4.00 -10.86 3.20
CA TYR A 38 4.77 -9.62 3.43
C TYR A 38 6.15 -9.76 2.80
N VAL A 39 6.22 -9.55 1.48
CA VAL A 39 7.50 -9.34 0.75
C VAL A 39 7.36 -8.08 -0.11
N GLY A 40 8.47 -7.55 -0.57
CA GLY A 40 8.51 -6.41 -1.52
C GLY A 40 7.79 -5.19 -0.97
N ASN A 41 6.90 -4.60 -1.77
CA ASN A 41 6.18 -3.39 -1.36
C ASN A 41 5.25 -3.73 -0.20
N LYS A 42 4.82 -5.00 -0.02
CA LYS A 42 3.97 -5.39 1.15
C LYS A 42 4.78 -5.38 2.46
N ALA A 43 6.09 -5.62 2.40
CA ALA A 43 6.97 -5.53 3.58
C ALA A 43 7.36 -4.07 3.84
N ALA A 44 7.57 -3.29 2.78
CA ALA A 44 8.29 -1.98 2.82
C ALA A 44 7.34 -0.83 3.13
N THR A 45 6.10 -0.91 2.68
CA THR A 45 5.20 0.26 2.59
C THR A 45 4.74 0.66 3.99
N PHE A 46 4.21 -0.28 4.77
CA PHE A 46 3.65 0.03 6.11
C PHE A 46 4.74 0.61 7.01
N PRO A 47 5.95 0.02 7.14
CA PRO A 47 7.01 0.67 7.92
C PRO A 47 7.28 2.13 7.51
N LEU A 48 7.45 2.38 6.21
CA LEU A 48 7.77 3.74 5.71
C LEU A 48 6.62 4.73 5.96
N GLN A 49 5.37 4.32 5.72
CA GLN A 49 4.18 5.18 5.96
C GLN A 49 4.10 5.56 7.46
N LEU A 50 4.40 4.60 8.32
CA LEU A 50 4.36 4.76 9.80
C LEU A 50 5.37 5.85 10.18
N HIS A 51 6.50 5.93 9.48
CA HIS A 51 7.60 6.93 9.69
C HIS A 51 7.29 8.23 8.97
N GLY A 52 6.14 8.35 8.32
CA GLY A 52 5.68 9.59 7.70
C GLY A 52 6.18 9.76 6.28
N PHE A 53 6.62 8.69 5.60
CA PHE A 53 7.01 8.77 4.17
C PHE A 53 5.78 8.54 3.28
N ASP A 54 5.65 9.29 2.20
CA ASP A 54 4.73 8.89 1.11
C ASP A 54 5.48 7.86 0.27
N VAL A 55 4.92 6.67 0.12
CA VAL A 55 5.48 5.56 -0.70
C VAL A 55 4.68 5.54 -1.99
N ASP A 56 5.33 5.88 -3.09
CA ASP A 56 4.79 5.79 -4.47
C ASP A 56 5.36 4.51 -5.05
N ALA A 57 4.54 3.47 -5.10
CA ALA A 57 4.98 2.12 -5.53
C ALA A 57 4.69 1.92 -7.02
N ILE A 58 5.66 1.38 -7.71
CA ILE A 58 5.51 0.67 -9.00
C ILE A 58 5.74 -0.81 -8.67
N ASN A 59 4.71 -1.62 -8.88
CA ASN A 59 4.70 -3.06 -8.57
C ASN A 59 5.24 -3.80 -9.80
N THR A 60 6.44 -4.32 -9.71
CA THR A 60 7.14 -4.99 -10.83
C THR A 60 6.44 -6.31 -11.15
N VAL A 61 5.83 -6.92 -10.15
CA VAL A 61 4.92 -8.09 -10.32
C VAL A 61 3.73 -7.89 -9.38
N SER A 62 2.60 -8.52 -9.69
CA SER A 62 1.38 -8.53 -8.87
C SER A 62 0.96 -9.99 -8.78
N LEU A 63 1.46 -10.66 -7.75
CA LEU A 63 1.36 -12.12 -7.53
C LEU A 63 0.40 -12.43 -6.38
N SER A 64 -0.04 -13.69 -6.31
CA SER A 64 -0.93 -14.17 -5.24
C SER A 64 -0.20 -14.20 -3.91
N ASN A 65 1.10 -14.49 -3.92
CA ASN A 65 1.89 -14.76 -2.69
C ASN A 65 3.37 -14.88 -3.06
N HIS A 66 4.24 -15.02 -2.08
CA HIS A 66 5.70 -15.18 -2.35
C HIS A 66 5.98 -16.63 -2.75
N SER A 67 7.21 -16.86 -3.22
CA SER A 67 7.65 -18.09 -3.94
C SER A 67 7.97 -19.19 -2.94
N GLY A 68 7.56 -19.03 -1.68
CA GLY A 68 7.60 -20.03 -0.62
C GLY A 68 6.44 -20.99 -0.74
N TYR A 69 5.21 -20.45 -0.88
CA TYR A 69 3.95 -21.24 -0.97
C TYR A 69 4.00 -22.18 -2.19
N PRO A 70 3.21 -23.27 -2.18
CA PRO A 70 3.27 -24.25 -3.26
C PRO A 70 2.92 -23.70 -4.65
N VAL A 71 2.01 -22.73 -4.72
CA VAL A 71 1.45 -22.21 -6.00
C VAL A 71 1.66 -20.70 -6.06
N ILE A 72 2.23 -20.20 -7.16
CA ILE A 72 2.35 -18.72 -7.40
C ILE A 72 1.60 -18.40 -8.70
N LYS A 73 0.68 -17.43 -8.65
CA LYS A 73 -0.06 -16.97 -9.85
C LYS A 73 0.02 -15.45 -9.89
N GLY A 74 0.02 -14.91 -11.10
CA GLY A 74 -0.28 -13.50 -11.29
C GLY A 74 0.48 -12.90 -12.42
N HIS A 75 0.58 -11.58 -12.39
CA HIS A 75 1.02 -10.71 -13.51
C HIS A 75 2.48 -10.31 -13.29
N ARG A 76 3.26 -10.25 -14.37
CA ARG A 76 4.63 -9.69 -14.34
C ARG A 76 4.64 -8.49 -15.27
N MET A 77 5.11 -7.36 -14.77
CA MET A 77 5.33 -6.14 -15.57
C MET A 77 6.31 -6.48 -16.70
N ASP A 78 6.06 -5.99 -17.91
CA ASP A 78 7.09 -5.95 -18.97
C ASP A 78 7.65 -4.52 -19.10
N LEU A 79 8.60 -4.30 -19.99
CA LEU A 79 9.24 -2.98 -20.14
C LEU A 79 8.18 -1.95 -20.54
N GLU A 80 7.28 -2.30 -21.46
CA GLU A 80 6.26 -1.36 -21.97
C GLU A 80 5.39 -0.89 -20.79
N GLU A 81 4.94 -1.81 -19.90
CA GLU A 81 4.09 -1.40 -18.75
C GLU A 81 4.88 -0.41 -17.88
N PHE A 82 6.16 -0.63 -17.67
CA PHE A 82 7.00 0.24 -16.81
C PHE A 82 7.11 1.62 -17.45
N THR A 83 7.37 1.67 -18.76
CA THR A 83 7.55 2.96 -19.48
C THR A 83 6.22 3.70 -19.57
N THR A 84 5.09 3.00 -19.65
CA THR A 84 3.73 3.60 -19.71
C THR A 84 3.50 4.32 -18.37
N ILE A 85 3.72 3.63 -17.26
CA ILE A 85 3.58 4.24 -15.92
C ILE A 85 4.50 5.47 -15.84
N MET A 86 5.76 5.35 -16.25
CA MET A 86 6.74 6.47 -16.22
C MET A 86 6.16 7.66 -17.01
N GLU A 87 5.53 7.40 -18.17
CA GLU A 87 4.98 8.49 -19.03
C GLU A 87 3.94 9.27 -18.22
N GLY A 88 3.08 8.60 -17.44
CA GLY A 88 2.08 9.23 -16.57
C GLY A 88 2.72 10.08 -15.49
N LEU A 89 3.71 9.54 -14.79
CA LEU A 89 4.48 10.30 -13.77
C LEU A 89 5.15 11.52 -14.41
N ARG A 90 5.74 11.35 -15.60
CA ARG A 90 6.54 12.40 -16.28
C ARG A 90 5.59 13.50 -16.73
N ALA A 91 4.54 13.15 -17.46
CA ALA A 91 3.49 14.06 -17.98
C ALA A 91 2.86 14.90 -16.85
N ASN A 92 2.61 14.35 -15.67
CA ASN A 92 1.95 15.10 -14.56
C ASN A 92 2.98 15.80 -13.66
N ASP A 93 4.27 15.79 -14.04
CA ASP A 93 5.33 16.57 -13.36
C ASP A 93 5.52 16.10 -11.91
N PHE A 94 5.56 14.78 -11.66
CA PHE A 94 5.74 14.20 -10.31
C PHE A 94 7.20 13.81 -10.04
N LEU A 95 8.03 13.70 -11.08
CA LEU A 95 9.35 13.03 -10.93
C LEU A 95 10.24 13.80 -9.96
N SER A 96 10.06 15.11 -9.86
CA SER A 96 10.81 15.96 -8.91
C SER A 96 10.42 15.67 -7.46
N ASP A 97 9.34 14.91 -7.21
CA ASP A 97 8.83 14.62 -5.85
C ASP A 97 9.75 13.63 -5.11
N TYR A 98 10.55 12.84 -5.82
CA TYR A 98 11.17 11.61 -5.26
C TYR A 98 12.58 11.91 -4.72
N ALA A 99 12.61 12.28 -3.44
CA ALA A 99 13.82 12.46 -2.62
C ALA A 99 14.54 11.13 -2.44
N TYR A 100 13.80 10.02 -2.55
CA TYR A 100 14.32 8.65 -2.40
C TYR A 100 13.78 7.77 -3.53
N VAL A 101 14.67 6.96 -4.10
CA VAL A 101 14.29 5.83 -4.99
C VAL A 101 14.74 4.55 -4.28
N LEU A 102 13.83 3.59 -4.14
CA LEU A 102 14.11 2.30 -3.48
C LEU A 102 13.70 1.22 -4.45
N THR A 103 14.64 0.39 -4.88
CA THR A 103 14.36 -0.69 -5.87
C THR A 103 14.63 -2.02 -5.18
N GLY A 104 13.76 -3.00 -5.41
CA GLY A 104 14.01 -4.37 -4.95
C GLY A 104 13.81 -5.35 -6.09
N TYR A 105 12.85 -6.26 -5.90
CA TYR A 105 12.49 -7.34 -6.86
C TYR A 105 12.09 -6.73 -8.19
N ILE A 106 12.83 -7.04 -9.24
CA ILE A 106 12.52 -6.65 -10.64
C ILE A 106 12.61 -7.90 -11.50
N ASN A 107 13.75 -8.60 -11.44
CA ASN A 107 13.98 -9.89 -12.13
C ASN A 107 13.67 -9.72 -13.62
N ASN A 108 14.18 -8.65 -14.24
CA ASN A 108 13.92 -8.37 -15.67
C ASN A 108 15.03 -7.45 -16.17
N ARG A 109 15.90 -7.96 -17.05
CA ARG A 109 17.11 -7.24 -17.54
C ARG A 109 16.71 -5.86 -18.07
N ASP A 110 15.66 -5.78 -18.89
CA ASP A 110 15.32 -4.51 -19.59
C ASP A 110 14.76 -3.50 -18.58
N ILE A 111 14.01 -3.93 -17.57
CA ILE A 111 13.50 -2.99 -16.54
C ILE A 111 14.67 -2.58 -15.64
N VAL A 112 15.58 -3.49 -15.27
CA VAL A 112 16.76 -3.13 -14.43
C VAL A 112 17.51 -2.00 -15.15
N ARG A 113 17.79 -2.17 -16.44
CA ARG A 113 18.43 -1.14 -17.29
C ARG A 113 17.58 0.13 -17.27
N GLN A 114 16.26 0.04 -17.41
CA GLN A 114 15.39 1.25 -17.55
C GLN A 114 15.39 2.03 -16.22
N VAL A 115 15.57 1.32 -15.10
CA VAL A 115 15.55 1.95 -13.75
C VAL A 115 16.67 3.00 -13.67
N ALA A 116 17.83 2.73 -14.28
CA ALA A 116 18.95 3.70 -14.35
C ALA A 116 18.50 4.98 -15.04
N ALA A 117 17.79 4.88 -16.17
CA ALA A 117 17.24 6.06 -16.89
C ALA A 117 16.27 6.80 -15.97
N THR A 118 15.40 6.06 -15.26
CA THR A 118 14.41 6.68 -14.34
C THR A 118 15.15 7.44 -13.24
N VAL A 119 16.17 6.84 -12.67
CA VAL A 119 16.87 7.56 -11.56
C VAL A 119 17.53 8.82 -12.13
N ALA A 120 18.19 8.72 -13.30
CA ALA A 120 18.86 9.88 -13.97
C ALA A 120 17.84 10.98 -14.27
N GLU A 121 16.64 10.60 -14.75
CA GLU A 121 15.58 11.60 -15.03
C GLU A 121 15.13 12.27 -13.71
N ILE A 122 15.00 11.50 -12.62
CA ILE A 122 14.61 12.08 -11.29
C ILE A 122 15.70 13.03 -10.78
N ARG A 123 16.97 12.63 -10.85
CA ARG A 123 18.11 13.52 -10.46
C ARG A 123 18.00 14.83 -11.26
N GLU A 124 17.80 14.73 -12.57
CA GLU A 124 17.75 15.91 -13.47
C GLU A 124 16.59 16.80 -13.00
N ALA A 125 15.41 16.24 -12.78
CA ALA A 125 14.20 17.03 -12.44
C ALA A 125 14.40 17.74 -11.10
N ARG A 126 14.95 17.05 -10.10
CA ARG A 126 15.24 17.60 -8.74
C ARG A 126 16.30 18.72 -8.81
N GLN A 127 17.37 18.49 -9.58
CA GLN A 127 18.47 19.46 -9.82
C GLN A 127 17.85 20.75 -10.39
N LYS A 128 17.05 20.66 -11.47
CA LYS A 128 16.42 21.82 -12.14
C LYS A 128 15.52 22.58 -11.16
N GLN A 129 14.83 21.91 -10.23
CA GLN A 129 13.95 22.55 -9.21
C GLN A 129 14.75 22.95 -7.96
N GLY A 130 16.08 22.85 -8.01
CA GLY A 130 16.96 23.07 -6.86
C GLY A 130 16.49 22.35 -5.61
N LYS A 131 16.04 21.09 -5.69
CA LYS A 131 15.85 20.22 -4.48
C LYS A 131 17.14 19.45 -4.15
N LYS A 132 17.27 18.94 -2.93
CA LYS A 132 18.41 18.06 -2.53
C LYS A 132 18.41 16.87 -3.50
N ASP A 133 19.59 16.42 -3.95
CA ASP A 133 19.76 15.26 -4.86
C ASP A 133 19.00 14.06 -4.28
N ALA A 134 18.34 13.28 -5.14
CA ALA A 134 17.69 12.02 -4.77
C ALA A 134 18.77 11.08 -4.20
N VAL A 135 18.38 10.24 -3.25
CA VAL A 135 19.21 9.08 -2.74
C VAL A 135 18.61 7.81 -3.32
N PHE A 136 19.35 7.15 -4.20
CA PHE A 136 18.97 5.86 -4.82
C PHE A 136 19.51 4.73 -3.92
N PHE A 137 18.60 4.04 -3.25
CA PHE A 137 18.85 2.80 -2.46
C PHE A 137 18.55 1.60 -3.38
N CYS A 138 19.59 0.87 -3.79
CA CYS A 138 19.45 -0.27 -4.72
C CYS A 138 19.61 -1.56 -3.93
N ASP A 139 18.51 -2.26 -3.74
CA ASP A 139 18.51 -3.62 -3.16
C ASP A 139 18.58 -4.61 -4.31
N PRO A 140 19.76 -5.22 -4.60
CA PRO A 140 19.92 -6.02 -5.81
C PRO A 140 19.33 -7.42 -5.61
N VAL A 141 18.00 -7.53 -5.66
CA VAL A 141 17.24 -8.76 -5.32
C VAL A 141 17.47 -9.80 -6.41
N MET A 142 18.07 -10.94 -6.07
CA MET A 142 18.44 -12.01 -7.05
C MET A 142 18.32 -13.39 -6.38
N GLY A 143 18.74 -13.56 -5.12
CA GLY A 143 18.60 -14.88 -4.47
C GLY A 143 19.09 -14.93 -3.04
N ASP A 144 19.51 -16.11 -2.58
CA ASP A 144 19.85 -16.45 -1.16
C ASP A 144 20.33 -17.92 -1.10
N ASP A 145 21.20 -18.28 -0.15
CA ASP A 145 21.36 -19.70 0.29
C ASP A 145 22.07 -20.56 -0.76
N GLU A 152 21.98 -14.20 -15.24
CA GLU A 152 23.32 -13.65 -15.63
C GLU A 152 23.13 -12.32 -16.37
N GLU A 153 22.13 -12.30 -17.27
CA GLU A 153 21.54 -11.08 -17.87
C GLU A 153 21.21 -10.11 -16.73
N VAL A 154 20.57 -10.61 -15.66
CA VAL A 154 20.07 -9.80 -14.50
C VAL A 154 21.25 -9.43 -13.58
N VAL A 155 22.17 -10.37 -13.33
CA VAL A 155 23.39 -10.11 -12.50
C VAL A 155 24.17 -8.97 -13.17
N GLU A 156 24.43 -9.08 -14.47
CA GLU A 156 25.18 -8.06 -15.23
C GLU A 156 24.40 -6.75 -15.27
N ALA A 157 23.07 -6.81 -15.39
CA ALA A 157 22.22 -5.59 -15.42
C ALA A 157 22.35 -4.86 -14.07
N TYR A 158 22.43 -5.60 -12.95
CA TYR A 158 22.64 -4.97 -11.60
C TYR A 158 24.07 -4.42 -11.47
N ARG A 159 25.08 -5.05 -12.06
CA ARG A 159 26.47 -4.49 -12.02
C ARG A 159 26.46 -3.09 -12.67
N GLU A 160 25.69 -2.89 -13.75
CA GLU A 160 25.60 -1.57 -14.45
C GLU A 160 24.77 -0.59 -13.62
N LEU A 161 23.63 -1.06 -13.10
CA LEU A 161 22.72 -0.19 -12.36
C LEU A 161 23.44 0.34 -11.12
N LEU A 162 24.27 -0.48 -10.48
CA LEU A 162 24.98 -0.14 -9.22
C LEU A 162 26.04 0.95 -9.47
N THR A 163 26.43 1.21 -10.72
CA THR A 163 27.33 2.35 -11.06
C THR A 163 26.66 3.68 -10.69
N HIS A 164 25.32 3.72 -10.53
CA HIS A 164 24.54 4.96 -10.26
C HIS A 164 23.83 4.93 -8.91
N ALA A 165 24.04 3.92 -8.07
CA ALA A 165 23.38 3.77 -6.75
C ALA A 165 24.12 4.63 -5.71
N ASP A 166 23.39 5.19 -4.73
CA ASP A 166 23.95 5.90 -3.54
C ASP A 166 24.21 4.88 -2.41
N VAL A 167 23.33 3.91 -2.29
CA VAL A 167 23.32 2.88 -1.21
C VAL A 167 22.92 1.57 -1.86
N ALA A 168 23.63 0.49 -1.59
CA ALA A 168 23.25 -0.89 -1.98
C ALA A 168 23.09 -1.74 -0.72
N THR A 169 22.11 -2.63 -0.70
CA THR A 169 21.81 -3.46 0.49
C THR A 169 21.75 -4.94 0.10
N PRO A 170 22.83 -5.51 -0.49
CA PRO A 170 22.84 -6.93 -0.87
C PRO A 170 22.76 -7.82 0.37
N ASN A 171 22.10 -8.98 0.26
CA ASN A 171 22.33 -10.09 1.22
C ASN A 171 23.71 -10.66 0.89
N TYR A 172 24.20 -11.63 1.66
CA TYR A 172 25.60 -12.11 1.50
C TYR A 172 25.69 -12.77 0.13
N PHE A 173 24.60 -13.39 -0.34
CA PHE A 173 24.60 -14.15 -1.61
C PHE A 173 24.73 -13.16 -2.78
N GLU A 174 23.94 -12.09 -2.76
CA GLU A 174 23.96 -11.06 -3.84
C GLU A 174 25.34 -10.38 -3.85
N ALA A 175 25.88 -10.07 -2.69
CA ALA A 175 27.22 -9.44 -2.60
C ALA A 175 28.26 -10.38 -3.21
N SER A 176 28.15 -11.69 -2.98
CA SER A 176 29.12 -12.71 -3.48
C SER A 176 29.05 -12.82 -5.01
N ILE A 177 27.86 -13.03 -5.58
CA ILE A 177 27.72 -13.19 -7.06
C ILE A 177 28.06 -11.88 -7.78
N LEU A 178 27.75 -10.71 -7.23
CA LEU A 178 28.08 -9.42 -7.91
C LEU A 178 29.59 -9.15 -7.93
N SER A 179 30.26 -9.29 -6.80
CA SER A 179 31.71 -8.98 -6.62
C SER A 179 32.56 -10.17 -7.10
N THR A 180 32.02 -11.38 -7.08
CA THR A 180 32.78 -12.59 -7.42
C THR A 180 33.59 -13.06 -6.19
N VAL A 181 33.46 -12.40 -5.04
CA VAL A 181 34.08 -12.81 -3.74
C VAL A 181 33.09 -13.62 -2.91
N GLU A 182 33.47 -14.80 -2.40
CA GLU A 182 32.64 -15.57 -1.44
C GLU A 182 32.63 -14.81 -0.11
N VAL A 183 31.49 -14.24 0.29
CA VAL A 183 31.35 -13.51 1.60
C VAL A 183 31.07 -14.56 2.70
N LYS A 184 32.09 -14.86 3.49
CA LYS A 184 32.07 -15.93 4.53
C LYS A 184 32.61 -15.36 5.86
N ASP A 185 33.19 -14.17 5.84
CA ASP A 185 33.71 -13.50 7.05
C ASP A 185 33.89 -12.01 6.78
N LEU A 186 34.39 -11.27 7.78
CA LEU A 186 34.59 -9.80 7.69
C LEU A 186 35.60 -9.45 6.59
N ALA A 187 36.74 -10.16 6.51
CA ALA A 187 37.78 -9.89 5.47
C ALA A 187 37.15 -9.95 4.09
N SER A 188 36.36 -11.00 3.82
CA SER A 188 35.76 -11.25 2.49
C SER A 188 34.55 -10.34 2.29
N ALA A 189 33.84 -9.97 3.34
CA ALA A 189 32.74 -8.97 3.27
C ALA A 189 33.35 -7.63 2.83
N ILE A 190 34.49 -7.23 3.39
CA ILE A 190 35.23 -5.99 3.02
C ILE A 190 35.63 -6.06 1.54
N GLU A 191 36.13 -7.19 1.05
CA GLU A 191 36.54 -7.31 -0.38
C GLU A 191 35.30 -7.09 -1.27
N ALA A 192 34.20 -7.76 -0.99
CA ALA A 192 32.92 -7.59 -1.73
C ALA A 192 32.50 -6.11 -1.76
N ALA A 193 32.44 -5.46 -0.60
CA ALA A 193 32.02 -4.04 -0.46
C ALA A 193 32.96 -3.14 -1.27
N ASN A 194 34.26 -3.41 -1.26
CA ASN A 194 35.27 -2.65 -2.06
C ASN A 194 34.92 -2.75 -3.55
N TRP A 195 34.53 -3.93 -4.02
CA TRP A 195 33.99 -4.11 -5.40
C TRP A 195 32.84 -3.12 -5.65
N PHE A 196 31.90 -2.96 -4.71
CA PHE A 196 30.73 -2.05 -4.89
C PHE A 196 31.24 -0.62 -5.06
N HIS A 197 32.19 -0.20 -4.22
CA HIS A 197 32.71 1.19 -4.24
C HIS A 197 33.40 1.44 -5.58
N THR A 198 34.25 0.51 -6.05
CA THR A 198 34.98 0.65 -7.35
C THR A 198 33.93 0.77 -8.47
N GLN A 199 32.85 0.00 -8.41
CA GLN A 199 31.73 0.01 -9.37
C GLN A 199 30.98 1.37 -9.33
N GLY A 200 31.02 2.08 -8.20
CA GLY A 200 30.48 3.46 -8.08
C GLY A 200 29.35 3.60 -7.07
N THR A 201 29.09 2.61 -6.22
CA THR A 201 28.17 2.73 -5.05
C THR A 201 28.96 3.21 -3.83
N PRO A 202 28.76 4.46 -3.34
CA PRO A 202 29.52 4.96 -2.19
C PRO A 202 29.27 4.25 -0.85
N THR A 203 28.06 3.74 -0.63
CA THR A 203 27.57 3.24 0.69
C THR A 203 26.98 1.86 0.47
N VAL A 204 27.54 0.87 1.16
CA VAL A 204 27.12 -0.55 1.07
C VAL A 204 26.74 -1.05 2.46
N VAL A 205 25.64 -1.77 2.57
CA VAL A 205 25.34 -2.63 3.75
C VAL A 205 25.26 -4.07 3.27
N ILE A 206 26.23 -4.90 3.65
CA ILE A 206 26.00 -6.36 3.54
C ILE A 206 25.23 -6.78 4.79
N LYS A 207 23.95 -7.15 4.63
CA LYS A 207 22.97 -7.13 5.76
C LYS A 207 23.27 -8.21 6.80
N SER A 208 23.78 -9.37 6.41
CA SER A 208 24.13 -10.46 7.35
C SER A 208 24.99 -11.51 6.64
N PHE A 209 25.92 -12.11 7.36
CA PHE A 209 26.58 -13.36 6.91
C PHE A 209 26.94 -14.17 8.16
N ALA A 210 26.87 -15.49 8.05
CA ALA A 210 27.24 -16.44 9.14
C ALA A 210 28.75 -16.44 9.27
N MET A 211 29.23 -16.85 10.44
CA MET A 211 30.69 -16.95 10.73
C MET A 211 30.98 -18.36 11.28
N ALA A 212 31.86 -19.12 10.63
CA ALA A 212 32.27 -20.46 11.14
C ALA A 212 32.75 -20.30 12.61
N ASP A 213 33.53 -19.24 12.88
CA ASP A 213 34.22 -19.02 14.18
C ASP A 213 33.29 -18.36 15.21
N ASP A 214 32.03 -18.06 14.88
CA ASP A 214 31.07 -17.43 15.84
C ASP A 214 29.66 -17.90 15.48
N PRO A 215 29.33 -19.18 15.73
CA PRO A 215 28.07 -19.75 15.25
C PRO A 215 26.76 -19.13 15.78
N THR A 216 26.75 -18.38 16.88
CA THR A 216 25.50 -17.87 17.49
C THR A 216 25.21 -16.44 17.00
N HIS A 217 25.99 -15.89 16.07
CA HIS A 217 25.81 -14.50 15.59
C HIS A 217 25.77 -14.42 14.06
N LEU A 218 25.07 -13.41 13.55
CA LEU A 218 25.23 -12.94 12.15
C LEU A 218 25.95 -11.59 12.23
N ARG A 219 26.93 -11.41 11.37
CA ARG A 219 27.70 -10.13 11.29
C ARG A 219 27.13 -9.32 10.13
N PHE A 220 27.10 -8.00 10.25
CA PHE A 220 26.81 -7.09 9.11
C PHE A 220 28.01 -6.18 8.88
N LEU A 221 28.05 -5.60 7.69
CA LEU A 221 29.11 -4.62 7.33
C LEU A 221 28.44 -3.39 6.68
N LEU A 222 28.83 -2.21 7.16
CA LEU A 222 28.52 -0.90 6.58
C LEU A 222 29.85 -0.34 6.08
N SER A 223 29.93 -0.05 4.79
CA SER A 223 31.17 0.43 4.13
C SER A 223 30.84 1.75 3.44
N CYS A 224 31.59 2.83 3.75
CA CYS A 224 31.32 4.21 3.24
C CYS A 224 32.60 4.73 2.54
N ARG A 225 32.57 4.82 1.20
CA ARG A 225 33.67 5.42 0.40
C ARG A 225 33.34 6.91 0.14
N ASP A 226 34.26 7.82 0.43
CA ASP A 226 34.16 9.29 0.17
C ASP A 226 34.47 9.58 -1.31
CA ALA A 228 35.81 12.20 -3.03
C ALA A 228 37.31 12.22 -2.65
N THR A 229 37.65 11.61 -1.50
CA THR A 229 39.03 11.43 -0.95
C THR A 229 39.62 10.07 -1.36
N GLY A 230 38.77 9.09 -1.71
CA GLY A 230 39.17 7.68 -1.97
C GLY A 230 39.17 6.85 -0.69
N SER A 231 39.04 7.47 0.47
CA SER A 231 39.12 6.76 1.77
C SER A 231 37.77 6.09 2.05
N THR A 232 37.81 5.03 2.86
CA THR A 232 36.66 4.16 3.22
C THR A 232 36.56 4.19 4.74
N LYS A 233 35.38 4.52 5.29
CA LYS A 233 35.07 4.26 6.72
C LYS A 233 34.23 2.96 6.75
N ARG A 234 34.65 2.00 7.58
CA ARG A 234 34.00 0.66 7.72
C ARG A 234 33.48 0.50 9.15
N TYR A 235 32.31 -0.12 9.29
CA TYR A 235 31.61 -0.30 10.58
C TYR A 235 31.04 -1.73 10.60
N THR A 236 31.04 -2.35 11.77
CA THR A 236 30.54 -3.73 11.86
C THR A 236 29.85 -3.90 13.21
N GLY A 237 29.18 -5.01 13.31
CA GLY A 237 28.44 -5.41 14.51
C GLY A 237 27.76 -6.71 14.21
N VAL A 238 26.97 -7.18 15.15
CA VAL A 238 26.34 -8.52 15.08
C VAL A 238 24.89 -8.42 15.57
N VAL A 239 24.11 -9.43 15.21
CA VAL A 239 22.78 -9.72 15.81
C VAL A 239 22.80 -11.19 16.20
N PRO A 240 21.96 -11.59 17.17
CA PRO A 240 21.80 -13.02 17.46
C PRO A 240 21.36 -13.76 16.19
N TYR A 241 21.92 -14.95 15.93
CA TYR A 241 21.53 -15.83 14.81
C TYR A 241 20.34 -16.69 15.25
N HIS A 242 19.11 -16.33 14.92
CA HIS A 242 17.94 -17.17 15.28
C HIS A 242 17.88 -18.36 14.31
N GLU A 243 17.59 -19.54 14.84
CA GLU A 243 17.26 -20.74 14.02
C GLU A 243 16.06 -20.37 13.15
N GLY A 244 16.03 -20.86 11.92
CA GLY A 244 14.82 -20.77 11.07
C GLY A 244 15.01 -19.80 9.93
N ARG A 245 14.07 -19.82 8.99
CA ARG A 245 14.13 -19.03 7.74
C ARG A 245 12.99 -18.01 7.79
N TYR A 246 13.28 -16.73 7.55
CA TYR A 246 12.32 -15.61 7.66
C TYR A 246 12.27 -14.96 6.29
N THR A 247 11.05 -14.78 5.78
CA THR A 247 10.79 -14.16 4.47
C THR A 247 10.63 -12.65 4.68
N GLY A 248 11.06 -11.86 3.70
CA GLY A 248 10.84 -10.41 3.64
C GLY A 248 11.77 -9.66 4.57
N THR A 249 12.78 -10.32 5.16
CA THR A 249 13.66 -9.68 6.18
C THR A 249 14.43 -8.54 5.51
N GLY A 250 15.03 -8.81 4.35
CA GLY A 250 15.77 -7.79 3.61
C GLY A 250 14.86 -6.63 3.23
N ASP A 251 13.60 -6.94 2.92
CA ASP A 251 12.65 -5.93 2.39
C ASP A 251 12.28 -4.97 3.51
N VAL A 252 11.98 -5.48 4.71
CA VAL A 252 11.68 -4.63 5.88
C VAL A 252 12.95 -3.84 6.22
N PHE A 253 14.10 -4.50 6.16
CA PHE A 253 15.41 -3.87 6.52
C PHE A 253 15.65 -2.62 5.68
N ALA A 254 15.56 -2.73 4.36
CA ALA A 254 15.94 -1.64 3.45
C ALA A 254 14.98 -0.46 3.65
N ALA A 255 13.67 -0.75 3.78
CA ALA A 255 12.64 0.27 4.03
C ALA A 255 12.95 0.94 5.35
N SER A 256 13.27 0.16 6.39
CA SER A 256 13.62 0.72 7.72
C SER A 256 14.89 1.57 7.57
N LEU A 257 15.86 1.11 6.79
CA LEU A 257 17.12 1.87 6.61
C LEU A 257 16.80 3.24 5.97
N VAL A 258 15.94 3.28 4.96
CA VAL A 258 15.58 4.58 4.31
C VAL A 258 14.99 5.52 5.38
N ALA A 259 14.06 5.01 6.19
CA ALA A 259 13.34 5.80 7.23
C ALA A 259 14.37 6.40 8.20
N PHE A 260 15.19 5.56 8.83
CA PHE A 260 16.15 6.01 9.86
C PHE A 260 17.25 6.88 9.21
N ALA A 261 17.73 6.56 8.00
CA ALA A 261 18.88 7.28 7.41
C ALA A 261 18.44 8.69 6.98
N HIS A 262 17.13 8.95 6.90
CA HIS A 262 16.58 10.30 6.58
C HIS A 262 17.09 11.31 7.61
N SER A 263 17.10 10.96 8.89
CA SER A 263 17.46 11.93 9.96
C SER A 263 18.63 11.45 10.86
N ASP A 264 19.13 10.22 10.71
CA ASP A 264 20.21 9.65 11.56
C ASP A 264 21.44 9.40 10.69
N PRO A 265 22.67 9.56 11.21
CA PRO A 265 23.85 9.11 10.47
C PRO A 265 23.71 7.62 10.14
N MET A 266 24.30 7.19 9.02
CA MET A 266 24.11 5.85 8.45
C MET A 266 24.43 4.76 9.49
N ASP A 267 25.49 4.92 10.31
CA ASP A 267 25.89 3.90 11.34
C ASP A 267 24.72 3.66 12.30
N LEU A 268 24.10 4.74 12.79
CA LEU A 268 23.00 4.65 13.76
C LEU A 268 21.71 4.19 13.06
N ALA A 269 21.48 4.61 11.83
CA ALA A 269 20.37 4.15 10.95
C ALA A 269 20.45 2.63 10.82
N VAL A 270 21.64 2.09 10.52
CA VAL A 270 21.82 0.62 10.41
C VAL A 270 21.48 -0.03 11.75
N GLY A 271 21.97 0.50 12.86
CA GLY A 271 21.70 -0.08 14.18
C GLY A 271 20.22 -0.17 14.48
N LYS A 272 19.47 0.89 14.17
CA LYS A 272 18.01 0.96 14.43
C LYS A 272 17.30 -0.07 13.54
N ALA A 273 17.68 -0.10 12.26
CA ALA A 273 17.12 -1.03 11.26
C ALA A 273 17.38 -2.48 11.70
N MET A 274 18.58 -2.79 12.19
CA MET A 274 18.86 -4.15 12.73
C MET A 274 17.93 -4.40 13.92
N GLY A 275 17.79 -3.41 14.82
CA GLY A 275 16.91 -3.48 16.00
C GLY A 275 15.47 -3.80 15.62
N VAL A 276 14.98 -3.20 14.54
CA VAL A 276 13.59 -3.46 14.06
C VAL A 276 13.45 -4.93 13.64
N LEU A 277 14.41 -5.45 12.85
CA LEU A 277 14.32 -6.84 12.34
C LEU A 277 14.38 -7.82 13.52
N GLN A 278 15.24 -7.55 14.51
CA GLN A 278 15.40 -8.44 15.69
C GLN A 278 14.09 -8.46 16.50
N ASP A 279 13.43 -7.31 16.70
CA ASP A 279 12.08 -7.26 17.34
C ASP A 279 11.10 -8.15 16.57
N LEU A 280 11.03 -8.02 15.24
CA LEU A 280 10.04 -8.75 14.40
C LEU A 280 10.33 -10.26 14.41
N ILE A 281 11.58 -10.65 14.25
CA ILE A 281 11.94 -12.10 14.24
C ILE A 281 11.59 -12.70 15.60
N LYS A 282 11.96 -12.04 16.69
CA LYS A 282 11.75 -12.50 18.08
C LYS A 282 10.26 -12.67 18.37
N ALA A 283 9.41 -11.84 17.75
CA ALA A 283 7.93 -11.81 17.94
C ALA A 283 7.33 -13.05 17.29
N THR A 284 7.70 -13.30 16.03
CA THR A 284 7.41 -14.54 15.27
C THR A 284 7.84 -15.74 16.12
N ILE A 285 8.99 -15.69 16.79
CA ILE A 285 9.50 -16.85 17.60
C ILE A 285 8.54 -17.11 18.77
N GLU A 286 7.90 -16.07 19.35
CA GLU A 286 6.90 -16.18 20.46
C GLU A 286 5.66 -16.97 20.01
N ARG A 298 7.39 -18.30 9.71
CA ARG A 298 8.26 -17.76 8.63
C ARG A 298 7.77 -16.35 8.22
N GLU A 299 6.45 -16.09 8.15
CA GLU A 299 5.92 -14.76 7.72
C GLU A 299 6.14 -13.75 8.86
N LEU A 300 6.77 -12.59 8.59
CA LEU A 300 6.90 -11.48 9.58
C LEU A 300 5.55 -10.75 9.67
N ARG A 301 4.99 -10.61 10.86
CA ARG A 301 3.69 -9.93 11.09
C ARG A 301 3.97 -8.43 11.16
N VAL A 302 4.36 -7.82 10.03
CA VAL A 302 4.99 -6.48 9.96
C VAL A 302 4.08 -5.44 10.61
N THR A 303 2.77 -5.63 10.52
CA THR A 303 1.75 -4.65 10.95
C THR A 303 1.38 -4.84 12.43
N SER A 304 1.97 -5.81 13.15
CA SER A 304 1.49 -6.25 14.50
C SER A 304 2.08 -5.41 15.64
N TYR A 305 3.32 -4.92 15.55
CA TYR A 305 3.94 -4.02 16.56
C TYR A 305 4.38 -2.74 15.85
N PRO A 306 3.43 -1.82 15.56
CA PRO A 306 3.78 -0.55 14.92
C PRO A 306 4.84 0.22 15.73
N ASP A 307 4.66 0.24 17.06
CA ASP A 307 5.58 0.86 18.06
C ASP A 307 7.03 0.44 17.76
N ARG A 308 7.28 -0.87 17.59
CA ARG A 308 8.64 -1.46 17.44
C ARG A 308 9.22 -1.12 16.05
N LEU A 309 8.38 -0.87 15.03
CA LEU A 309 8.87 -0.48 13.68
C LEU A 309 9.48 0.91 13.78
N GLN A 310 8.93 1.73 14.66
CA GLN A 310 9.34 3.16 14.83
C GLN A 310 10.46 3.29 15.87
N HIS A 311 10.39 2.53 16.96
CA HIS A 311 11.26 2.63 18.17
C HIS A 311 11.56 1.23 18.64
N PRO A 312 12.51 0.49 18.02
CA PRO A 312 12.80 -0.87 18.47
C PRO A 312 13.53 -0.84 19.82
N SER A 313 13.50 -1.92 20.60
CA SER A 313 14.26 -2.06 21.88
C SER A 313 15.66 -2.61 21.56
N SER A 314 15.71 -3.69 20.81
CA SER A 314 16.94 -4.10 20.12
C SER A 314 17.38 -2.86 19.31
N VAL A 315 18.57 -2.35 19.56
CA VAL A 315 19.34 -1.50 18.60
C VAL A 315 20.73 -2.12 18.60
N ALA A 316 21.22 -2.53 17.43
CA ALA A 316 22.53 -3.21 17.30
C ALA A 316 23.63 -2.16 17.40
N LEU A 317 24.68 -2.46 18.19
CA LEU A 317 25.94 -1.69 18.17
C LEU A 317 26.46 -1.67 16.75
N VAL A 318 26.90 -0.52 16.29
CA VAL A 318 27.54 -0.41 14.94
C VAL A 318 28.86 0.31 15.17
N THR A 319 29.98 -0.40 15.11
CA THR A 319 31.25 0.12 15.66
C THR A 319 32.23 0.36 14.54
N PRO A 320 32.91 1.54 14.48
CA PRO A 320 33.94 1.77 13.46
C PRO A 320 35.06 0.71 13.52
N LEU A 321 35.53 0.25 12.35
CA LEU A 321 36.74 -0.58 12.19
C LEU A 321 37.97 0.32 12.05
N PRO A 322 39.10 -0.07 12.66
CA PRO A 322 40.33 0.73 12.60
C PRO A 322 41.01 0.78 11.21
N ASP B 24 -9.55 -13.36 12.82
CA ASP B 24 -10.59 -12.99 11.82
C ASP B 24 -10.56 -11.50 11.51
N LYS B 25 -9.38 -10.86 11.56
CA LYS B 25 -9.18 -9.45 11.11
C LYS B 25 -8.38 -9.50 9.81
N HIS B 26 -8.91 -10.25 8.84
CA HIS B 26 -8.31 -10.44 7.50
C HIS B 26 -9.32 -9.92 6.48
N VAL B 27 -8.87 -9.07 5.54
CA VAL B 27 -9.75 -8.44 4.50
C VAL B 27 -9.19 -8.79 3.13
N LEU B 28 -10.02 -9.22 2.20
CA LEU B 28 -9.66 -9.27 0.77
C LEU B 28 -10.15 -7.97 0.15
N SER B 29 -9.24 -7.11 -0.31
CA SER B 29 -9.56 -5.77 -0.84
C SER B 29 -9.23 -5.74 -2.34
N ILE B 30 -10.28 -5.60 -3.14
CA ILE B 30 -10.25 -5.57 -4.61
C ILE B 30 -10.48 -4.12 -5.05
N GLN B 31 -9.39 -3.40 -5.32
CA GLN B 31 -9.42 -1.95 -5.58
C GLN B 31 -8.31 -1.61 -6.59
N SER B 32 -8.21 -0.32 -6.93
CA SER B 32 -7.16 0.26 -7.79
C SER B 32 -5.86 0.36 -7.01
N HIS B 33 -4.73 0.30 -7.74
CA HIS B 33 -3.39 0.75 -7.28
C HIS B 33 -2.95 1.97 -8.11
N VAL B 34 -2.52 3.01 -7.42
CA VAL B 34 -1.93 4.23 -8.03
C VAL B 34 -0.55 4.40 -7.38
N THR B 35 0.42 4.83 -8.18
CA THR B 35 1.80 5.18 -7.78
C THR B 35 1.75 6.51 -7.03
N HIS B 36 1.25 7.55 -7.68
CA HIS B 36 1.13 8.92 -7.09
C HIS B 36 -0.24 9.07 -6.42
N GLY B 37 -0.26 9.66 -5.24
CA GLY B 37 -1.52 10.12 -4.63
C GLY B 37 -2.21 9.05 -3.80
N TYR B 38 -3.44 9.29 -3.35
CA TYR B 38 -4.13 8.46 -2.34
C TYR B 38 -5.58 8.24 -2.74
N VAL B 39 -5.80 7.16 -3.48
CA VAL B 39 -7.10 6.53 -3.82
C VAL B 39 -6.94 5.01 -3.72
N GLY B 40 -8.05 4.28 -3.74
CA GLY B 40 -8.08 2.82 -3.88
C GLY B 40 -7.32 2.09 -2.80
N ASN B 41 -6.68 0.99 -3.16
CA ASN B 41 -6.05 0.08 -2.18
C ASN B 41 -4.97 0.83 -1.38
N LYS B 42 -4.28 1.79 -1.97
CA LYS B 42 -3.20 2.49 -1.25
C LYS B 42 -3.78 3.27 -0.06
N ALA B 43 -4.93 3.92 -0.31
CA ALA B 43 -5.70 4.73 0.67
C ALA B 43 -6.41 3.85 1.70
N ALA B 44 -6.85 2.66 1.30
CA ALA B 44 -7.64 1.75 2.16
C ALA B 44 -6.70 0.98 3.10
N THR B 45 -5.53 0.56 2.60
CA THR B 45 -4.65 -0.45 3.24
C THR B 45 -4.04 0.14 4.52
N PHE B 46 -3.53 1.37 4.47
CA PHE B 46 -2.82 1.96 5.63
C PHE B 46 -3.75 2.07 6.83
N PRO B 47 -4.96 2.68 6.73
CA PRO B 47 -5.88 2.66 7.88
C PRO B 47 -6.25 1.26 8.38
N LEU B 48 -6.65 0.33 7.49
CA LEU B 48 -7.00 -1.05 7.92
C LEU B 48 -5.81 -1.67 8.65
N GLN B 49 -4.58 -1.45 8.17
CA GLN B 49 -3.37 -1.98 8.85
C GLN B 49 -3.27 -1.36 10.26
N LEU B 50 -3.49 -0.06 10.41
CA LEU B 50 -3.38 0.59 11.74
C LEU B 50 -4.41 0.00 12.71
N HIS B 51 -5.54 -0.47 12.19
CA HIS B 51 -6.65 -1.01 12.99
C HIS B 51 -6.38 -2.47 13.26
N GLY B 52 -5.24 -3.01 12.80
CA GLY B 52 -4.78 -4.37 13.12
C GLY B 52 -5.30 -5.40 12.11
N PHE B 53 -5.74 -4.97 10.90
CA PHE B 53 -6.22 -5.91 9.85
C PHE B 53 -5.08 -6.34 8.92
N ASP B 54 -5.10 -7.61 8.52
CA ASP B 54 -4.30 -8.10 7.37
C ASP B 54 -5.10 -7.80 6.11
N VAL B 55 -4.53 -6.99 5.24
CA VAL B 55 -5.18 -6.59 3.98
C VAL B 55 -4.56 -7.39 2.84
N ASP B 56 -5.32 -8.32 2.27
CA ASP B 56 -4.90 -9.03 1.04
C ASP B 56 -5.48 -8.23 -0.11
N ALA B 57 -4.64 -7.50 -0.84
CA ALA B 57 -5.08 -6.54 -1.90
C ALA B 57 -4.99 -7.20 -3.29
N ILE B 58 -6.11 -7.15 -4.04
CA ILE B 58 -6.10 -7.45 -5.50
C ILE B 58 -6.25 -6.11 -6.20
N ASN B 59 -5.23 -5.76 -6.98
CA ASN B 59 -5.11 -4.45 -7.65
C ASN B 59 -5.74 -4.62 -9.04
N THR B 60 -6.97 -4.12 -9.22
CA THR B 60 -7.76 -4.20 -10.47
C THR B 60 -7.09 -3.42 -11.60
N VAL B 61 -6.37 -2.35 -11.25
CA VAL B 61 -5.54 -1.54 -12.18
C VAL B 61 -4.28 -1.10 -11.44
N SER B 62 -3.26 -0.73 -12.20
CA SER B 62 -1.95 -0.24 -11.71
C SER B 62 -1.61 1.01 -12.53
N LEU B 63 -2.02 2.16 -12.00
CA LEU B 63 -2.04 3.44 -12.74
C LEU B 63 -1.06 4.42 -12.09
N SER B 64 -0.69 5.46 -12.85
CA SER B 64 0.28 6.47 -12.42
C SER B 64 -0.35 7.34 -11.34
N ASN B 65 -1.67 7.54 -11.40
CA ASN B 65 -2.39 8.54 -10.56
C ASN B 65 -3.89 8.36 -10.79
N HIS B 66 -4.72 9.06 -10.03
CA HIS B 66 -6.21 8.96 -10.13
C HIS B 66 -6.68 9.71 -11.38
N SER B 67 -7.96 9.58 -11.77
CA SER B 67 -8.47 10.10 -13.08
C SER B 67 -8.63 11.62 -13.08
N GLY B 68 -8.49 12.30 -11.95
CA GLY B 68 -8.64 13.77 -11.92
C GLY B 68 -7.54 14.45 -12.70
N TYR B 69 -6.35 13.85 -12.77
CA TYR B 69 -5.16 14.48 -13.44
C TYR B 69 -5.41 14.48 -14.95
N PRO B 70 -4.78 15.42 -15.69
CA PRO B 70 -4.88 15.46 -17.15
C PRO B 70 -4.49 14.15 -17.85
N VAL B 71 -3.51 13.42 -17.31
CA VAL B 71 -2.96 12.19 -17.92
C VAL B 71 -3.08 11.05 -16.91
N ILE B 72 -3.50 9.89 -17.38
CA ILE B 72 -3.61 8.69 -16.51
C ILE B 72 -3.13 7.52 -17.33
N LYS B 73 -2.10 6.84 -16.84
CA LYS B 73 -1.42 5.78 -17.61
C LYS B 73 -1.26 4.56 -16.72
N GLY B 74 -1.29 3.39 -17.32
CA GLY B 74 -0.96 2.14 -16.61
C GLY B 74 -1.77 1.01 -17.14
N HIS B 75 -1.78 -0.06 -16.35
CA HIS B 75 -2.27 -1.40 -16.74
C HIS B 75 -3.66 -1.60 -16.10
N ARG B 76 -4.54 -2.29 -16.81
CA ARG B 76 -5.88 -2.68 -16.32
C ARG B 76 -5.95 -4.21 -16.41
N MET B 77 -6.34 -4.85 -15.32
CA MET B 77 -6.70 -6.30 -15.29
C MET B 77 -7.81 -6.55 -16.31
N ASP B 78 -7.76 -7.72 -16.94
CA ASP B 78 -8.96 -8.31 -17.60
C ASP B 78 -9.41 -9.48 -16.72
N LEU B 79 -10.52 -10.12 -17.11
CA LEU B 79 -11.13 -11.18 -16.26
C LEU B 79 -10.07 -12.25 -16.04
N GLU B 80 -9.24 -12.59 -17.06
CA GLU B 80 -8.29 -13.74 -16.96
C GLU B 80 -7.26 -13.42 -15.86
N GLU B 81 -6.78 -12.19 -15.80
CA GLU B 81 -5.78 -11.77 -14.78
C GLU B 81 -6.38 -11.91 -13.37
N PHE B 82 -7.66 -11.58 -13.20
CA PHE B 82 -8.38 -11.68 -11.91
C PHE B 82 -8.56 -13.14 -11.47
N THR B 83 -9.00 -14.00 -12.39
CA THR B 83 -9.23 -15.43 -12.10
C THR B 83 -7.86 -16.10 -11.88
N THR B 84 -6.81 -15.63 -12.54
CA THR B 84 -5.44 -16.17 -12.32
C THR B 84 -5.05 -15.95 -10.85
N ILE B 85 -5.20 -14.72 -10.33
CA ILE B 85 -4.91 -14.45 -8.88
C ILE B 85 -5.79 -15.33 -8.01
N MET B 86 -7.09 -15.41 -8.30
CA MET B 86 -8.05 -16.18 -7.48
C MET B 86 -7.59 -17.65 -7.42
N GLU B 87 -7.07 -18.20 -8.53
CA GLU B 87 -6.56 -19.59 -8.56
C GLU B 87 -5.41 -19.75 -7.54
N GLY B 88 -4.50 -18.79 -7.43
CA GLY B 88 -3.37 -18.83 -6.46
C GLY B 88 -3.90 -18.79 -5.04
N LEU B 89 -4.88 -17.92 -4.78
CA LEU B 89 -5.49 -17.79 -3.42
C LEU B 89 -6.23 -19.10 -3.08
N ARG B 90 -6.90 -19.71 -4.05
CA ARG B 90 -7.67 -20.98 -3.84
C ARG B 90 -6.69 -22.12 -3.53
N ALA B 91 -5.70 -22.34 -4.41
CA ALA B 91 -4.76 -23.48 -4.37
C ALA B 91 -4.02 -23.43 -3.03
N ASN B 92 -3.75 -22.23 -2.51
CA ASN B 92 -3.01 -22.10 -1.25
C ASN B 92 -3.98 -22.14 -0.07
N ASP B 93 -5.28 -22.35 -0.29
CA ASP B 93 -6.26 -22.47 0.84
C ASP B 93 -6.32 -21.12 1.60
N PHE B 94 -6.28 -19.97 0.92
CA PHE B 94 -6.37 -18.65 1.62
C PHE B 94 -7.82 -18.16 1.77
N LEU B 95 -8.78 -18.68 1.01
CA LEU B 95 -10.14 -18.08 0.86
C LEU B 95 -10.90 -18.11 2.20
N SER B 96 -10.67 -19.13 3.05
CA SER B 96 -11.37 -19.22 4.37
C SER B 96 -10.80 -18.18 5.34
N ASP B 97 -9.66 -17.54 5.04
CA ASP B 97 -9.07 -16.47 5.90
C ASP B 97 -9.94 -15.21 5.84
N TYR B 98 -10.71 -14.99 4.79
CA TYR B 98 -11.31 -13.66 4.49
C TYR B 98 -12.63 -13.47 5.27
N ALA B 99 -12.57 -12.84 6.43
CA ALA B 99 -13.78 -12.50 7.21
C ALA B 99 -14.49 -11.28 6.60
N TYR B 100 -13.77 -10.47 5.83
CA TYR B 100 -14.29 -9.27 5.15
C TYR B 100 -13.82 -9.33 3.69
N VAL B 101 -14.72 -9.01 2.78
CA VAL B 101 -14.38 -8.67 1.37
C VAL B 101 -14.82 -7.24 1.18
N LEU B 102 -13.91 -6.44 0.64
CA LEU B 102 -14.13 -5.03 0.36
C LEU B 102 -13.77 -4.84 -1.10
N THR B 103 -14.74 -4.40 -1.92
CA THR B 103 -14.51 -4.08 -3.33
C THR B 103 -14.70 -2.58 -3.53
N GLY B 104 -13.82 -2.00 -4.33
CA GLY B 104 -13.81 -0.59 -4.70
C GLY B 104 -13.70 -0.48 -6.21
N TYR B 105 -12.76 0.32 -6.69
CA TYR B 105 -12.53 0.54 -8.14
C TYR B 105 -12.27 -0.80 -8.83
N ILE B 106 -13.15 -1.17 -9.77
CA ILE B 106 -12.96 -2.34 -10.66
C ILE B 106 -13.13 -1.83 -12.09
N ASN B 107 -14.32 -1.35 -12.42
CA ASN B 107 -14.59 -0.64 -13.70
C ASN B 107 -14.23 -1.58 -14.86
N ASN B 108 -14.58 -2.84 -14.68
CA ASN B 108 -14.47 -3.90 -15.70
C ASN B 108 -15.68 -4.79 -15.45
N ARG B 109 -16.68 -4.74 -16.34
CA ARG B 109 -17.97 -5.47 -16.22
C ARG B 109 -17.71 -6.94 -15.86
N ASP B 110 -16.75 -7.61 -16.50
CA ASP B 110 -16.54 -9.05 -16.29
C ASP B 110 -16.05 -9.29 -14.86
N ILE B 111 -15.09 -8.49 -14.38
CA ILE B 111 -14.57 -8.67 -13.00
C ILE B 111 -15.70 -8.33 -12.01
N VAL B 112 -16.43 -7.21 -12.19
CA VAL B 112 -17.55 -6.86 -11.28
C VAL B 112 -18.48 -8.08 -11.23
N ARG B 113 -18.84 -8.67 -12.38
CA ARG B 113 -19.74 -9.86 -12.44
C ARG B 113 -19.15 -11.03 -11.63
N GLN B 114 -17.85 -11.28 -11.80
CA GLN B 114 -17.14 -12.39 -11.10
C GLN B 114 -17.08 -12.22 -9.56
N VAL B 115 -17.26 -11.02 -9.00
CA VAL B 115 -17.16 -10.80 -7.53
C VAL B 115 -18.17 -11.67 -6.77
N ALA B 116 -19.39 -11.87 -7.29
CA ALA B 116 -20.46 -12.63 -6.56
C ALA B 116 -20.00 -14.09 -6.39
N ALA B 117 -19.43 -14.69 -7.42
CA ALA B 117 -18.91 -16.07 -7.33
C ALA B 117 -17.73 -16.13 -6.33
N THR B 118 -16.82 -15.17 -6.34
CA THR B 118 -15.68 -15.09 -5.39
C THR B 118 -16.17 -15.06 -3.95
N VAL B 119 -17.09 -14.15 -3.66
CA VAL B 119 -17.69 -14.02 -2.30
C VAL B 119 -18.36 -15.35 -1.91
N ALA B 120 -19.17 -15.96 -2.78
CA ALA B 120 -19.89 -17.22 -2.46
C ALA B 120 -18.86 -18.32 -2.18
N GLU B 121 -17.75 -18.33 -2.93
CA GLU B 121 -16.70 -19.36 -2.72
C GLU B 121 -16.02 -19.13 -1.36
N ILE B 122 -15.71 -17.89 -0.99
CA ILE B 122 -15.20 -17.56 0.38
C ILE B 122 -16.21 -18.01 1.44
N ARG B 123 -17.51 -17.72 1.26
CA ARG B 123 -18.57 -18.13 2.23
C ARG B 123 -18.54 -19.66 2.43
N GLU B 124 -18.48 -20.48 1.37
CA GLU B 124 -18.45 -21.97 1.52
C GLU B 124 -17.15 -22.39 2.25
N ALA B 125 -16.02 -21.76 1.92
CA ALA B 125 -14.70 -22.14 2.48
C ALA B 125 -14.72 -21.85 3.99
N ARG B 126 -15.37 -20.75 4.37
CA ARG B 126 -15.47 -20.38 5.81
C ARG B 126 -16.36 -21.38 6.53
N GLN B 127 -17.51 -21.70 5.97
CA GLN B 127 -18.41 -22.70 6.59
C GLN B 127 -17.60 -23.99 6.80
N LYS B 128 -16.85 -24.44 5.77
CA LYS B 128 -16.06 -25.70 5.81
C LYS B 128 -15.11 -25.71 7.00
N GLN B 129 -14.59 -24.54 7.43
CA GLN B 129 -13.62 -24.42 8.56
C GLN B 129 -14.32 -24.01 9.88
N GLY B 130 -15.65 -23.95 9.92
CA GLY B 130 -16.38 -23.58 11.16
C GLY B 130 -16.14 -22.13 11.56
N LYS B 131 -16.08 -21.23 10.57
CA LYS B 131 -15.86 -19.78 10.79
C LYS B 131 -17.19 -19.07 10.58
N LYS B 132 -17.39 -17.94 11.25
CA LYS B 132 -18.58 -17.09 11.01
C LYS B 132 -18.56 -16.69 9.53
N ASP B 133 -19.71 -16.34 9.02
CA ASP B 133 -19.88 -15.88 7.63
C ASP B 133 -19.03 -14.62 7.42
N ALA B 134 -18.61 -14.42 6.18
CA ALA B 134 -17.91 -13.20 5.74
C ALA B 134 -18.95 -12.07 5.63
N VAL B 135 -18.49 -10.83 5.76
CA VAL B 135 -19.27 -9.61 5.41
C VAL B 135 -18.62 -9.04 4.16
N PHE B 136 -19.43 -8.90 3.12
CA PHE B 136 -19.10 -8.30 1.82
C PHE B 136 -19.59 -6.85 1.79
N PHE B 137 -18.63 -5.94 1.79
CA PHE B 137 -18.79 -4.47 1.64
C PHE B 137 -18.50 -4.11 0.19
N CYS B 138 -19.51 -3.65 -0.53
CA CYS B 138 -19.45 -3.29 -1.96
C CYS B 138 -19.53 -1.77 -2.06
N ASP B 139 -18.40 -1.11 -2.32
CA ASP B 139 -18.28 0.30 -2.77
C ASP B 139 -18.40 0.29 -4.31
N PRO B 140 -19.56 0.70 -4.87
CA PRO B 140 -19.82 0.62 -6.30
C PRO B 140 -19.15 1.80 -7.02
N VAL B 141 -17.81 1.77 -7.08
CA VAL B 141 -16.94 2.90 -7.53
C VAL B 141 -17.10 3.04 -9.05
N MET B 142 -17.80 4.10 -9.48
CA MET B 142 -18.12 4.28 -10.92
C MET B 142 -17.80 5.69 -11.38
N GLY B 143 -17.77 6.68 -10.47
CA GLY B 143 -17.41 8.07 -10.81
C GLY B 143 -17.73 9.02 -9.67
N ASP B 144 -17.75 10.31 -9.98
CA ASP B 144 -17.95 11.41 -9.01
C ASP B 144 -18.20 12.69 -9.81
N ASP B 145 -18.84 13.68 -9.18
CA ASP B 145 -19.00 15.04 -9.76
C ASP B 145 -19.70 14.89 -11.11
N GLY B 146 -20.74 14.05 -11.18
CA GLY B 146 -21.57 13.83 -12.38
C GLY B 146 -20.83 13.12 -13.53
N ARG B 147 -19.64 12.54 -13.29
CA ARG B 147 -18.79 11.95 -14.35
C ARG B 147 -18.46 10.49 -14.02
N LEU B 148 -18.91 9.59 -14.89
CA LEU B 148 -18.56 8.15 -14.94
C LEU B 148 -17.06 8.03 -15.22
N TYR B 149 -16.30 7.16 -14.54
CA TYR B 149 -14.86 6.94 -14.82
C TYR B 149 -14.68 6.16 -16.14
N CYS B 150 -15.45 5.09 -16.36
CA CYS B 150 -15.26 4.15 -17.51
C CYS B 150 -16.62 3.86 -18.17
N LYS B 151 -16.87 2.64 -18.62
CA LYS B 151 -17.98 2.32 -19.57
C LYS B 151 -19.29 2.18 -18.77
N GLU B 152 -20.39 2.56 -19.42
CA GLU B 152 -21.76 2.67 -18.87
C GLU B 152 -22.27 1.28 -18.46
N GLU B 153 -21.75 0.23 -19.10
CA GLU B 153 -22.15 -1.19 -18.85
C GLU B 153 -21.77 -1.60 -17.42
N VAL B 154 -20.88 -0.85 -16.75
CA VAL B 154 -20.46 -1.15 -15.35
C VAL B 154 -21.64 -0.91 -14.38
N VAL B 155 -22.53 0.01 -14.70
CA VAL B 155 -23.69 0.38 -13.83
C VAL B 155 -24.57 -0.85 -13.60
N GLU B 156 -24.99 -1.47 -14.69
CA GLU B 156 -25.86 -2.65 -14.64
C GLU B 156 -25.16 -3.78 -13.87
N ALA B 157 -23.88 -4.03 -14.14
CA ALA B 157 -23.09 -5.06 -13.45
C ALA B 157 -23.16 -4.82 -11.94
N TYR B 158 -23.05 -3.57 -11.48
CA TYR B 158 -23.16 -3.26 -10.04
C TYR B 158 -24.58 -3.49 -9.52
N ARG B 159 -25.63 -3.14 -10.28
CA ARG B 159 -27.01 -3.51 -9.83
C ARG B 159 -27.05 -5.03 -9.54
N GLU B 160 -26.45 -5.86 -10.39
CA GLU B 160 -26.50 -7.34 -10.24
C GLU B 160 -25.63 -7.77 -9.05
N LEU B 161 -24.47 -7.16 -8.84
CA LEU B 161 -23.57 -7.56 -7.72
C LEU B 161 -24.18 -7.15 -6.40
N LEU B 162 -24.87 -6.00 -6.36
CA LEU B 162 -25.39 -5.39 -5.10
C LEU B 162 -26.45 -6.27 -4.43
N THR B 163 -27.17 -7.09 -5.19
CA THR B 163 -28.14 -8.11 -4.70
C THR B 163 -27.40 -9.04 -3.72
N HIS B 164 -26.10 -9.23 -3.89
CA HIS B 164 -25.29 -10.19 -3.07
C HIS B 164 -24.41 -9.43 -2.05
N ALA B 165 -24.51 -8.12 -1.97
CA ALA B 165 -23.74 -7.29 -1.01
C ALA B 165 -24.43 -7.24 0.36
N ASP B 166 -23.62 -7.26 1.43
CA ASP B 166 -24.10 -7.06 2.83
C ASP B 166 -24.24 -5.56 3.09
N VAL B 167 -23.29 -4.77 2.60
CA VAL B 167 -23.16 -3.35 2.92
C VAL B 167 -22.73 -2.67 1.63
N ALA B 168 -23.34 -1.54 1.29
CA ALA B 168 -22.96 -0.72 0.13
C ALA B 168 -22.77 0.72 0.55
N THR B 169 -21.82 1.38 -0.11
CA THR B 169 -21.35 2.74 0.29
C THR B 169 -21.26 3.64 -0.93
N PRO B 170 -22.36 3.81 -1.70
CA PRO B 170 -22.29 4.72 -2.84
C PRO B 170 -22.07 6.19 -2.45
N ASN B 171 -21.40 6.95 -3.30
CA ASN B 171 -21.50 8.44 -3.23
C ASN B 171 -22.89 8.81 -3.80
N TYR B 172 -23.30 10.07 -3.71
CA TYR B 172 -24.63 10.50 -4.22
C TYR B 172 -24.75 10.22 -5.73
N PHE B 173 -23.69 10.41 -6.52
CA PHE B 173 -23.71 10.15 -8.00
C PHE B 173 -24.02 8.67 -8.29
N GLU B 174 -23.33 7.75 -7.61
CA GLU B 174 -23.47 6.28 -7.77
C GLU B 174 -24.87 5.86 -7.30
N ALA B 175 -25.34 6.41 -6.19
CA ALA B 175 -26.69 6.10 -5.69
C ALA B 175 -27.72 6.53 -6.76
N SER B 176 -27.47 7.66 -7.44
CA SER B 176 -28.41 8.24 -8.45
C SER B 176 -28.47 7.38 -9.73
N ILE B 177 -27.32 6.99 -10.30
CA ILE B 177 -27.33 6.26 -11.59
C ILE B 177 -27.78 4.82 -11.34
N LEU B 178 -27.47 4.24 -10.18
CA LEU B 178 -27.91 2.87 -9.88
C LEU B 178 -29.44 2.84 -9.76
N SER B 179 -30.02 3.69 -8.91
CA SER B 179 -31.45 3.68 -8.52
C SER B 179 -32.27 4.40 -9.60
N THR B 180 -31.66 5.35 -10.30
CA THR B 180 -32.38 6.14 -11.33
C THR B 180 -33.03 7.36 -10.64
N VAL B 181 -32.78 7.59 -9.35
CA VAL B 181 -33.34 8.72 -8.56
C VAL B 181 -32.24 9.77 -8.38
N GLU B 182 -32.45 11.03 -8.80
CA GLU B 182 -31.46 12.12 -8.57
C GLU B 182 -31.42 12.37 -7.06
N VAL B 183 -30.31 11.99 -6.43
CA VAL B 183 -30.11 12.17 -4.96
C VAL B 183 -29.69 13.62 -4.76
N LYS B 184 -30.57 14.45 -4.23
CA LYS B 184 -30.39 15.92 -4.16
C LYS B 184 -30.65 16.41 -2.73
N ASP B 185 -31.18 15.55 -1.87
CA ASP B 185 -31.67 15.91 -0.51
C ASP B 185 -32.04 14.62 0.22
N LEU B 186 -32.59 14.73 1.43
CA LEU B 186 -32.83 13.58 2.32
C LEU B 186 -33.92 12.69 1.74
N ALA B 187 -35.00 13.29 1.25
CA ALA B 187 -36.14 12.54 0.68
C ALA B 187 -35.64 11.66 -0.47
N SER B 188 -34.83 12.22 -1.36
CA SER B 188 -34.39 11.53 -2.60
C SER B 188 -33.28 10.50 -2.25
N ALA B 189 -32.39 10.80 -1.30
CA ALA B 189 -31.44 9.80 -0.72
C ALA B 189 -32.22 8.58 -0.21
N ILE B 190 -33.29 8.78 0.56
CA ILE B 190 -34.12 7.69 1.12
C ILE B 190 -34.71 6.86 -0.02
N GLU B 191 -35.24 7.51 -1.06
CA GLU B 191 -35.80 6.76 -2.23
C GLU B 191 -34.68 5.93 -2.88
N ALA B 192 -33.50 6.53 -3.09
CA ALA B 192 -32.35 5.80 -3.68
C ALA B 192 -32.00 4.62 -2.77
N ALA B 193 -31.89 4.83 -1.45
CA ALA B 193 -31.58 3.74 -0.47
C ALA B 193 -32.64 2.63 -0.57
N ASN B 194 -33.93 2.99 -0.66
CA ASN B 194 -35.01 1.94 -0.78
C ASN B 194 -34.78 1.09 -2.03
N TRP B 195 -34.27 1.69 -3.12
CA TRP B 195 -33.94 0.91 -4.34
C TRP B 195 -32.88 -0.16 -4.01
N PHE B 196 -31.84 0.19 -3.26
CA PHE B 196 -30.77 -0.76 -2.84
C PHE B 196 -31.38 -1.90 -2.04
N HIS B 197 -32.25 -1.59 -1.07
CA HIS B 197 -32.90 -2.64 -0.23
C HIS B 197 -33.72 -3.58 -1.12
N THR B 198 -34.50 -3.04 -2.05
CA THR B 198 -35.35 -3.84 -2.98
C THR B 198 -34.42 -4.72 -3.84
N GLN B 199 -33.26 -4.19 -4.25
CA GLN B 199 -32.21 -4.87 -5.07
C GLN B 199 -31.63 -6.02 -4.26
N GLY B 200 -31.68 -5.93 -2.92
CA GLY B 200 -31.25 -6.98 -1.96
C GLY B 200 -30.04 -6.59 -1.12
N THR B 201 -29.66 -5.29 -1.04
CA THR B 201 -28.57 -4.83 -0.16
C THR B 201 -29.16 -4.44 1.20
N PRO B 202 -28.91 -5.15 2.31
CA PRO B 202 -29.56 -4.80 3.58
C PRO B 202 -29.17 -3.44 4.19
N THR B 203 -27.91 -3.03 4.07
CA THR B 203 -27.30 -1.87 4.72
C THR B 203 -26.67 -0.98 3.65
N VAL B 204 -27.09 0.28 3.63
CA VAL B 204 -26.63 1.29 2.64
C VAL B 204 -26.22 2.57 3.38
N VAL B 205 -25.07 3.11 3.01
CA VAL B 205 -24.61 4.48 3.38
C VAL B 205 -24.50 5.29 2.10
N ILE B 206 -25.33 6.32 1.99
CA ILE B 206 -25.12 7.39 0.96
C ILE B 206 -24.29 8.45 1.68
N LYS B 207 -23.00 8.55 1.31
CA LYS B 207 -21.91 9.10 2.13
C LYS B 207 -22.05 10.61 2.26
N SER B 208 -22.58 11.30 1.25
CA SER B 208 -22.79 12.77 1.36
C SER B 208 -23.69 13.29 0.24
N PHE B 209 -24.44 14.35 0.55
CA PHE B 209 -25.25 15.13 -0.42
C PHE B 209 -25.54 16.52 0.20
N ALA B 210 -26.02 17.42 -0.65
CA ALA B 210 -26.19 18.87 -0.36
C ALA B 210 -27.37 19.09 0.57
N MET B 211 -27.25 20.11 1.41
CA MET B 211 -28.38 20.74 2.14
C MET B 211 -28.53 22.15 1.55
N ALA B 212 -29.63 22.39 0.82
CA ALA B 212 -29.96 23.71 0.22
C ALA B 212 -29.96 24.78 1.32
N ASP B 213 -30.58 24.47 2.47
CA ASP B 213 -30.76 25.40 3.61
C ASP B 213 -29.48 25.46 4.48
N ASP B 214 -28.36 24.83 4.09
CA ASP B 214 -27.12 24.78 4.93
C ASP B 214 -25.93 24.42 4.04
N PRO B 215 -25.34 25.42 3.35
CA PRO B 215 -24.22 25.18 2.44
C PRO B 215 -22.89 24.89 3.16
N THR B 216 -22.86 25.04 4.49
CA THR B 216 -21.66 24.79 5.33
C THR B 216 -21.62 23.34 5.83
N HIS B 217 -22.64 22.52 5.57
CA HIS B 217 -22.58 21.07 5.95
C HIS B 217 -22.88 20.16 4.76
N LEU B 218 -22.42 18.91 4.85
CA LEU B 218 -22.90 17.79 4.01
C LEU B 218 -23.76 16.89 4.91
N ARG B 219 -24.87 16.38 4.37
CA ARG B 219 -25.74 15.39 5.04
C ARG B 219 -25.39 13.99 4.49
N PHE B 220 -25.54 12.97 5.33
CA PHE B 220 -25.42 11.55 4.91
C PHE B 220 -26.62 10.76 5.44
N LEU B 221 -26.83 9.60 4.84
CA LEU B 221 -27.91 8.66 5.21
C LEU B 221 -27.31 7.28 5.39
N LEU B 222 -27.72 6.64 6.48
CA LEU B 222 -27.53 5.19 6.75
C LEU B 222 -28.92 4.59 6.73
N SER B 223 -29.15 3.57 5.93
CA SER B 223 -30.45 2.86 5.85
C SER B 223 -30.20 1.36 6.03
N CYS B 224 -30.92 0.71 6.95
CA CYS B 224 -30.76 -0.70 7.34
C CYS B 224 -32.11 -1.43 7.18
N ARG B 225 -32.23 -2.26 6.15
CA ARG B 225 -33.44 -3.11 5.97
C ARG B 225 -33.20 -4.40 6.74
N ASP B 226 -34.21 -4.84 7.52
CA ASP B 226 -34.19 -6.11 8.30
C ASP B 226 -34.61 -7.26 7.36
CA ALA B 228 -36.38 -9.72 8.46
C ALA B 228 -37.88 -9.37 8.40
N THR B 229 -38.32 -8.39 9.20
CA THR B 229 -39.68 -7.78 9.19
C THR B 229 -40.02 -7.10 7.85
N GLY B 230 -39.01 -6.76 7.02
CA GLY B 230 -39.13 -5.83 5.88
C GLY B 230 -39.13 -4.37 6.33
N SER B 231 -38.93 -4.14 7.62
CA SER B 231 -38.82 -2.79 8.24
C SER B 231 -37.46 -2.19 7.91
N THR B 232 -37.40 -0.86 7.82
CA THR B 232 -36.17 -0.10 7.56
C THR B 232 -35.89 0.83 8.74
N LYS B 233 -34.69 0.73 9.34
CA LYS B 233 -34.17 1.72 10.31
C LYS B 233 -33.31 2.72 9.52
N ARG B 234 -33.63 4.02 9.60
CA ARG B 234 -32.92 5.11 8.88
C ARG B 234 -32.23 6.01 9.88
N TYR B 235 -31.06 6.51 9.52
CA TYR B 235 -30.28 7.46 10.34
C TYR B 235 -29.70 8.54 9.42
N THR B 236 -29.47 9.71 10.01
CA THR B 236 -28.92 10.87 9.27
C THR B 236 -28.02 11.60 10.25
N GLY B 237 -27.14 12.40 9.69
CA GLY B 237 -26.14 13.20 10.40
C GLY B 237 -25.50 14.13 9.41
N VAL B 238 -24.64 15.03 9.87
CA VAL B 238 -24.02 16.07 9.02
C VAL B 238 -22.54 16.07 9.34
N VAL B 239 -21.75 16.56 8.40
CA VAL B 239 -20.33 16.86 8.63
C VAL B 239 -20.11 18.27 8.11
N PRO B 240 -19.10 18.99 8.66
CA PRO B 240 -18.67 20.27 8.11
C PRO B 240 -18.27 20.12 6.64
N TYR B 241 -18.79 20.99 5.79
CA TYR B 241 -18.43 21.08 4.35
C TYR B 241 -17.12 21.86 4.25
N HIS B 242 -16.17 21.32 3.50
CA HIS B 242 -14.91 22.01 3.14
C HIS B 242 -15.00 22.35 1.65
N GLU B 243 -14.87 23.63 1.31
CA GLU B 243 -14.88 24.12 -0.09
C GLU B 243 -13.69 23.47 -0.77
N GLY B 244 -13.92 22.68 -1.81
CA GLY B 244 -12.84 21.99 -2.51
C GLY B 244 -13.26 20.58 -2.85
N ARG B 245 -12.76 20.09 -3.98
CA ARG B 245 -12.96 18.72 -4.48
C ARG B 245 -11.77 17.88 -4.00
N TYR B 246 -12.03 16.97 -3.05
CA TYR B 246 -11.08 15.93 -2.57
C TYR B 246 -11.48 14.60 -3.20
N THR B 247 -10.47 13.76 -3.46
CA THR B 247 -10.63 12.41 -4.03
C THR B 247 -10.01 11.44 -3.02
N GLY B 248 -10.32 10.16 -3.14
CA GLY B 248 -9.92 9.13 -2.17
C GLY B 248 -10.72 9.14 -0.88
N THR B 249 -11.63 10.12 -0.70
CA THR B 249 -12.42 10.29 0.56
C THR B 249 -13.32 9.07 0.78
N GLY B 250 -14.11 8.65 -0.22
CA GLY B 250 -14.91 7.41 -0.11
C GLY B 250 -14.05 6.18 0.17
N ASP B 251 -12.85 6.08 -0.42
CA ASP B 251 -11.96 4.91 -0.24
C ASP B 251 -11.50 4.81 1.22
N VAL B 252 -11.13 5.93 1.83
CA VAL B 252 -10.68 5.93 3.25
C VAL B 252 -11.91 5.63 4.12
N PHE B 253 -13.05 6.20 3.73
CA PHE B 253 -14.33 6.09 4.46
C PHE B 253 -14.72 4.60 4.55
N ALA B 254 -14.78 3.89 3.41
CA ALA B 254 -15.21 2.46 3.40
C ALA B 254 -14.17 1.59 4.14
N ALA B 255 -12.88 1.87 3.98
CA ALA B 255 -11.84 1.13 4.75
C ALA B 255 -12.06 1.35 6.26
N SER B 256 -12.35 2.58 6.65
CA SER B 256 -12.61 2.95 8.07
C SER B 256 -13.89 2.26 8.55
N LEU B 257 -14.90 2.23 7.69
CA LEU B 257 -16.20 1.59 8.02
C LEU B 257 -16.01 0.10 8.32
N VAL B 258 -15.23 -0.61 7.50
CA VAL B 258 -14.96 -2.05 7.73
C VAL B 258 -14.28 -2.20 9.10
N ALA B 259 -13.27 -1.38 9.33
CA ALA B 259 -12.44 -1.42 10.57
C ALA B 259 -13.34 -1.24 11.78
N PHE B 260 -14.16 -0.20 11.82
CA PHE B 260 -14.99 0.14 13.00
C PHE B 260 -16.20 -0.79 13.10
N ALA B 261 -16.78 -1.26 11.98
CA ALA B 261 -17.98 -2.15 12.00
C ALA B 261 -17.62 -3.52 12.56
N HIS B 262 -16.34 -3.85 12.58
CA HIS B 262 -15.85 -5.11 13.18
C HIS B 262 -16.15 -5.13 14.68
N SER B 263 -16.16 -3.99 15.37
CA SER B 263 -16.34 -3.96 16.84
C SER B 263 -17.30 -2.83 17.28
N ASP B 264 -18.04 -2.21 16.37
CA ASP B 264 -19.09 -1.21 16.72
C ASP B 264 -20.36 -1.58 15.97
N PRO B 265 -21.54 -1.11 16.44
CA PRO B 265 -22.75 -1.20 15.64
C PRO B 265 -22.58 -0.24 14.46
N MET B 266 -23.20 -0.60 13.35
CA MET B 266 -23.05 0.10 12.05
C MET B 266 -23.23 1.61 12.21
N ASP B 267 -24.23 2.06 13.00
CA ASP B 267 -24.49 3.52 13.12
C ASP B 267 -23.26 4.20 13.72
N LEU B 268 -22.71 3.65 14.80
CA LEU B 268 -21.48 4.19 15.43
C LEU B 268 -20.30 4.06 14.48
N ALA B 269 -20.18 2.96 13.74
CA ALA B 269 -19.08 2.76 12.76
C ALA B 269 -19.18 3.89 11.73
N VAL B 270 -20.39 4.21 11.28
CA VAL B 270 -20.53 5.34 10.30
C VAL B 270 -20.02 6.63 10.96
N GLY B 271 -20.39 6.89 12.21
CA GLY B 271 -20.03 8.17 12.85
C GLY B 271 -18.55 8.32 13.05
N LYS B 272 -17.88 7.21 13.36
CA LYS B 272 -16.41 7.17 13.52
C LYS B 272 -15.72 7.38 12.17
N ALA B 273 -16.22 6.73 11.12
CA ALA B 273 -15.62 6.86 9.78
C ALA B 273 -15.79 8.31 9.28
N MET B 274 -16.92 8.97 9.60
CA MET B 274 -17.14 10.38 9.21
C MET B 274 -16.13 11.23 9.96
N GLY B 275 -15.88 10.94 11.23
CA GLY B 275 -14.86 11.65 12.04
C GLY B 275 -13.45 11.45 11.50
N VAL B 276 -13.12 10.26 11.04
CA VAL B 276 -11.79 10.01 10.38
C VAL B 276 -11.62 10.96 9.19
N LEU B 277 -12.64 11.04 8.33
CA LEU B 277 -12.63 11.84 7.09
C LEU B 277 -12.50 13.33 7.44
N GLN B 278 -13.17 13.81 8.48
CA GLN B 278 -13.04 15.23 8.92
C GLN B 278 -11.59 15.53 9.32
N ASP B 279 -10.95 14.68 10.13
CA ASP B 279 -9.55 14.94 10.54
C ASP B 279 -8.66 14.93 9.31
N LEU B 280 -8.88 13.96 8.43
CA LEU B 280 -7.98 13.73 7.26
C LEU B 280 -8.06 14.92 6.30
N ILE B 281 -9.27 15.41 6.05
CA ILE B 281 -9.49 16.57 5.13
C ILE B 281 -8.94 17.84 5.80
N LYS B 282 -9.12 18.05 7.12
CA LYS B 282 -8.56 19.26 7.79
C LYS B 282 -7.03 19.21 7.69
N ALA B 283 -6.40 18.05 7.89
CA ALA B 283 -4.93 17.87 7.77
C ALA B 283 -4.46 18.18 6.34
N THR B 284 -5.25 17.80 5.34
CA THR B 284 -4.97 18.06 3.92
C THR B 284 -4.97 19.58 3.70
N ILE B 285 -6.02 20.27 4.17
CA ILE B 285 -6.13 21.75 4.09
C ILE B 285 -4.93 22.40 4.82
N GLU B 286 -4.67 22.01 6.08
CA GLU B 286 -3.59 22.60 6.94
C GLU B 286 -2.23 22.50 6.23
N ARG B 287 -2.02 21.50 5.38
CA ARG B 287 -0.74 21.23 4.69
C ARG B 287 -0.78 21.87 3.29
N GLY B 288 -1.77 22.72 3.00
CA GLY B 288 -1.85 23.54 1.77
C GLY B 288 -2.91 23.06 0.79
N GLY B 289 -3.69 22.03 1.10
CA GLY B 289 -4.62 21.41 0.12
C GLY B 289 -5.98 22.09 0.10
N SER B 290 -6.00 23.42 -0.02
CA SER B 290 -7.22 24.26 -0.05
C SER B 290 -7.95 24.03 -1.36
N GLY B 291 -9.16 24.58 -1.50
CA GLY B 291 -10.04 24.41 -2.69
C GLY B 291 -9.31 24.73 -3.98
N LYS B 292 -8.48 25.78 -3.96
CA LYS B 292 -7.85 26.40 -5.16
C LYS B 292 -6.46 25.77 -5.40
N ALA B 293 -5.97 24.91 -4.49
CA ALA B 293 -4.61 24.33 -4.62
C ALA B 293 -4.60 23.33 -5.78
N THR B 294 -3.42 22.85 -6.15
CA THR B 294 -3.25 21.82 -7.22
C THR B 294 -3.94 20.51 -6.78
N LEU B 295 -4.21 19.62 -7.74
CA LEU B 295 -4.66 18.24 -7.46
C LEU B 295 -3.66 17.57 -6.51
N SER B 296 -2.36 17.76 -6.75
CA SER B 296 -1.30 17.13 -5.93
C SER B 296 -1.40 17.62 -4.47
N SER B 297 -1.63 18.92 -4.27
CA SER B 297 -1.82 19.50 -2.91
C SER B 297 -3.06 18.92 -2.26
N ARG B 298 -4.12 18.66 -3.03
CA ARG B 298 -5.42 18.24 -2.47
C ARG B 298 -5.46 16.72 -2.25
N GLU B 299 -4.42 15.99 -2.68
CA GLU B 299 -4.28 14.55 -2.33
C GLU B 299 -4.34 14.43 -0.80
N LEU B 300 -5.14 13.49 -0.31
CA LEU B 300 -5.39 13.30 1.13
C LEU B 300 -4.09 12.99 1.85
N ARG B 301 -3.86 13.59 3.01
CA ARG B 301 -2.61 13.43 3.80
C ARG B 301 -2.71 12.18 4.68
N VAL B 302 -2.80 11.02 4.05
CA VAL B 302 -3.16 9.73 4.71
C VAL B 302 -2.11 9.36 5.76
N THR B 303 -0.83 9.66 5.54
CA THR B 303 0.27 9.29 6.48
C THR B 303 0.57 10.40 7.51
N SER B 304 -0.15 11.51 7.52
CA SER B 304 0.22 12.69 8.36
C SER B 304 -0.16 12.45 9.82
N TYR B 305 -1.31 11.81 10.10
CA TYR B 305 -1.78 11.60 11.49
C TYR B 305 -2.32 10.19 11.68
N PRO B 306 -1.44 9.16 11.77
CA PRO B 306 -1.90 7.78 11.95
C PRO B 306 -2.85 7.58 13.16
N ASP B 307 -2.61 8.31 14.26
CA ASP B 307 -3.45 8.22 15.48
C ASP B 307 -4.89 8.60 15.12
N ARG B 308 -5.06 9.63 14.30
CA ARG B 308 -6.38 10.23 13.92
C ARG B 308 -7.11 9.28 12.95
N LEU B 309 -6.41 8.33 12.31
CA LEU B 309 -7.07 7.30 11.45
C LEU B 309 -7.74 6.27 12.38
N GLN B 310 -7.10 5.96 13.50
CA GLN B 310 -7.64 4.97 14.48
C GLN B 310 -8.62 5.66 15.43
N HIS B 311 -8.30 6.86 15.91
CA HIS B 311 -9.02 7.58 17.00
C HIS B 311 -9.31 9.00 16.54
N PRO B 312 -10.42 9.25 15.79
CA PRO B 312 -10.67 10.57 15.21
C PRO B 312 -11.01 11.57 16.34
N SER B 313 -10.70 12.85 16.13
CA SER B 313 -10.82 13.91 17.17
C SER B 313 -12.30 14.21 17.40
N SER B 314 -13.17 13.86 16.44
CA SER B 314 -14.64 13.93 16.58
C SER B 314 -15.28 12.65 16.04
N VAL B 315 -16.53 12.44 16.47
CA VAL B 315 -17.40 11.37 15.96
C VAL B 315 -18.73 11.99 15.57
N ALA B 316 -19.10 11.90 14.30
CA ALA B 316 -20.38 12.45 13.81
C ALA B 316 -21.52 11.70 14.48
N LEU B 317 -22.52 12.43 14.95
CA LEU B 317 -23.81 11.87 15.42
C LEU B 317 -24.53 11.26 14.22
N VAL B 318 -25.05 10.07 14.47
CA VAL B 318 -25.82 9.26 13.49
C VAL B 318 -27.15 9.00 14.19
N THR B 319 -28.13 9.81 13.86
CA THR B 319 -29.38 9.97 14.63
C THR B 319 -30.54 9.34 13.87
N PRO B 320 -31.37 8.54 14.57
CA PRO B 320 -32.56 7.91 14.00
C PRO B 320 -33.54 8.92 13.40
N LEU B 321 -34.11 8.59 12.23
CA LEU B 321 -35.29 9.23 11.61
C LEU B 321 -36.56 8.53 12.08
N PRO B 322 -37.68 9.28 12.15
CA PRO B 322 -39.03 8.75 12.31
C PRO B 322 -39.35 7.39 11.66
#